data_5WXZ
#
_entry.id   5WXZ
#
_cell.length_a   129.097
_cell.length_b   129.097
_cell.length_c   44.641
_cell.angle_alpha   90.00
_cell.angle_beta   90.00
_cell.angle_gamma   120.00
#
_symmetry.space_group_name_H-M   'P 32 2 1'
#
loop_
_entity.id
_entity.type
_entity.pdbx_description
1 polymer McyF
2 non-polymer 'D-ASPARTIC ACID'
3 water water
#
_entity_poly.entity_id   1
_entity_poly.type   'polypeptide(L)'
_entity_poly.pdbx_seq_one_letter_code
;MGHHHHHHMMKTKLPILGVLGGMGPVVTAEFLKSIYEYNPFIDKEQESPNVIVFSFPSAPDRTGSIDSGKEREFIDFIQV
NLEHLNKLADCIVIGSCTAHYALPQIPENLKDKLISLIKIADQELQEYNEPTLLLASTGTYQKKLFQEGCTTADLIISLS
ESDQKLIHEMIYKVLKRGHDPLSILRDIEALLEKYNTRSYISGSTEFHLLTKSLKLKGIDSIKAIDPLSTIAQNFSQLII
KQAQVDLVTDCHQPSNPKSP
;
_entity_poly.pdbx_strand_id   A
#
# COMPACT_ATOMS: atom_id res chain seq x y z
N LEU A 14 -1.60 10.35 -23.85
CA LEU A 14 -2.35 10.23 -22.54
C LEU A 14 -1.53 9.52 -21.45
N PRO A 15 -1.67 9.96 -20.18
CA PRO A 15 -0.82 9.43 -19.10
C PRO A 15 -1.27 8.04 -18.58
N ILE A 16 -0.34 7.08 -18.61
CA ILE A 16 -0.59 5.68 -18.23
C ILE A 16 0.07 5.34 -16.89
N LEU A 17 -0.73 4.90 -15.92
CA LEU A 17 -0.21 4.30 -14.67
C LEU A 17 0.06 2.82 -14.84
N GLY A 18 1.24 2.38 -14.43
CA GLY A 18 1.58 0.95 -14.39
C GLY A 18 1.60 0.45 -12.95
N VAL A 19 0.80 -0.55 -12.63
CA VAL A 19 0.82 -1.17 -11.31
C VAL A 19 1.51 -2.55 -11.31
N LEU A 20 2.62 -2.65 -10.61
CA LEU A 20 3.19 -3.96 -10.30
C LEU A 20 2.50 -4.47 -9.04
N GLY A 21 1.52 -5.35 -9.22
CA GLY A 21 0.69 -5.85 -8.13
C GLY A 21 0.67 -7.35 -8.03
N GLY A 22 -0.44 -7.87 -7.50
CA GLY A 22 -0.58 -9.28 -7.18
C GLY A 22 -0.03 -9.58 -5.80
N MET A 23 0.10 -8.56 -4.95
CA MET A 23 0.83 -8.66 -3.68
C MET A 23 0.07 -7.98 -2.55
N GLY A 24 -1.12 -8.43 -2.19
CA GLY A 24 -1.80 -9.58 -2.78
C GLY A 24 -2.75 -9.22 -3.92
N PRO A 25 -3.31 -10.25 -4.59
CA PRO A 25 -4.21 -10.01 -5.73
C PRO A 25 -5.55 -9.38 -5.36
N VAL A 26 -6.10 -9.72 -4.20
CA VAL A 26 -7.41 -9.22 -3.79
C VAL A 26 -7.39 -7.68 -3.77
N VAL A 27 -6.41 -7.13 -3.07
CA VAL A 27 -6.25 -5.70 -2.91
C VAL A 27 -5.82 -5.03 -4.21
N THR A 28 -4.96 -5.71 -4.98
CA THR A 28 -4.65 -5.25 -6.34
C THR A 28 -5.93 -5.04 -7.17
N ALA A 29 -6.85 -6.00 -7.13
CA ALA A 29 -8.10 -5.88 -7.89
C ALA A 29 -8.96 -4.72 -7.35
N GLU A 30 -9.02 -4.59 -6.03
CA GLU A 30 -9.80 -3.55 -5.39
C GLU A 30 -9.25 -2.14 -5.68
N PHE A 31 -7.94 -2.03 -5.77
CA PHE A 31 -7.27 -0.78 -6.08
C PHE A 31 -7.67 -0.28 -7.46
N LEU A 32 -7.70 -1.18 -8.44
CA LEU A 32 -8.18 -0.84 -9.77
C LEU A 32 -9.64 -0.36 -9.76
N LYS A 33 -10.48 -0.96 -8.92
CA LYS A 33 -11.85 -0.50 -8.78
C LYS A 33 -11.85 0.92 -8.22
N SER A 34 -11.07 1.13 -7.16
CA SER A 34 -10.94 2.45 -6.52
C SER A 34 -10.60 3.56 -7.50
N ILE A 35 -9.70 3.26 -8.44
CA ILE A 35 -9.26 4.25 -9.42
C ILE A 35 -10.45 4.81 -10.19
N TYR A 36 -11.31 3.93 -10.70
CA TYR A 36 -12.48 4.38 -11.46
C TYR A 36 -13.63 4.83 -10.58
N GLU A 37 -13.71 4.32 -9.34
CA GLU A 37 -14.69 4.85 -8.38
C GLU A 37 -14.46 6.32 -8.10
N TYR A 38 -13.20 6.69 -7.87
CA TYR A 38 -12.84 8.06 -7.50
C TYR A 38 -12.52 8.95 -8.69
N ASN A 39 -12.55 8.40 -9.90
CA ASN A 39 -12.40 9.17 -11.12
C ASN A 39 -13.53 8.88 -12.09
N PRO A 40 -14.79 9.13 -11.68
CA PRO A 40 -15.89 8.90 -12.59
C PRO A 40 -15.81 9.89 -13.74
N PHE A 41 -16.24 9.47 -14.93
CA PHE A 41 -16.23 10.35 -16.11
C PHE A 41 -17.46 11.27 -16.10
N ILE A 42 -17.34 12.41 -16.77
CA ILE A 42 -18.44 13.39 -16.87
C ILE A 42 -19.40 13.03 -18.02
N ASP A 43 -18.90 12.92 -19.24
CA ASP A 43 -19.73 12.66 -20.46
C ASP A 43 -19.43 11.29 -21.10
N LYS A 44 -18.17 11.12 -21.52
CA LYS A 44 -17.68 9.90 -22.15
C LYS A 44 -16.63 9.23 -21.26
N GLU A 45 -16.58 7.90 -21.26
CA GLU A 45 -15.57 7.16 -20.50
C GLU A 45 -14.16 7.20 -21.11
N GLN A 46 -14.00 7.80 -22.30
CA GLN A 46 -12.67 8.05 -22.89
C GLN A 46 -11.86 9.01 -21.98
N GLU A 47 -12.59 9.84 -21.22
CA GLU A 47 -12.05 10.65 -20.14
C GLU A 47 -11.26 9.88 -19.05
N SER A 48 -11.72 8.67 -18.73
CA SER A 48 -11.27 7.93 -17.54
C SER A 48 -9.79 7.48 -17.56
N PRO A 49 -9.19 7.21 -16.38
CA PRO A 49 -7.78 6.81 -16.26
C PRO A 49 -7.31 5.61 -17.09
N ASN A 50 -6.14 5.73 -17.68
CA ASN A 50 -5.48 4.62 -18.35
C ASN A 50 -4.50 3.93 -17.41
N VAL A 51 -4.66 2.62 -17.24
CA VAL A 51 -3.96 1.86 -16.22
C VAL A 51 -3.53 0.51 -16.79
N ILE A 52 -2.30 0.10 -16.49
CA ILE A 52 -1.81 -1.24 -16.78
C ILE A 52 -1.55 -1.93 -15.45
N VAL A 53 -2.06 -3.14 -15.27
CA VAL A 53 -1.87 -3.89 -14.02
C VAL A 53 -1.18 -5.21 -14.31
N PHE A 54 -0.04 -5.46 -13.67
CA PHE A 54 0.59 -6.77 -13.63
C PHE A 54 0.21 -7.41 -12.30
N SER A 55 -0.87 -8.18 -12.27
CA SER A 55 -1.27 -8.87 -11.05
C SER A 55 -0.66 -10.26 -11.08
N PHE A 56 0.55 -10.36 -10.56
CA PHE A 56 1.29 -11.60 -10.46
C PHE A 56 1.42 -12.08 -9.01
N PRO A 57 0.42 -12.82 -8.49
CA PRO A 57 0.55 -13.43 -7.16
C PRO A 57 1.68 -14.45 -7.01
N SER A 58 2.23 -14.94 -8.12
CA SER A 58 3.38 -15.83 -8.13
C SER A 58 4.70 -15.17 -7.69
N ALA A 59 4.70 -13.87 -7.44
CA ALA A 59 5.81 -13.20 -6.74
C ALA A 59 6.08 -13.97 -5.45
N PRO A 60 7.36 -14.24 -5.13
CA PRO A 60 7.64 -14.95 -3.87
C PRO A 60 7.29 -14.07 -2.66
N ASP A 61 6.69 -14.66 -1.61
CA ASP A 61 6.17 -13.87 -0.47
C ASP A 61 7.24 -12.91 0.04
N ARG A 62 6.81 -11.71 0.38
CA ARG A 62 7.74 -10.59 0.66
C ARG A 62 8.37 -10.76 2.05
N THR A 63 7.50 -10.91 3.06
CA THR A 63 7.91 -11.23 4.43
C THR A 63 8.57 -12.62 4.51
N GLY A 64 8.11 -13.56 3.67
CA GLY A 64 8.73 -14.88 3.55
C GLY A 64 10.14 -14.83 2.97
N SER A 65 10.35 -14.01 1.94
CA SER A 65 11.66 -13.89 1.28
C SER A 65 12.72 -13.21 2.18
N ILE A 66 12.28 -12.38 3.12
CA ILE A 66 13.16 -11.75 4.13
C ILE A 66 13.83 -12.80 5.04
N ASP A 67 13.14 -13.93 5.30
CA ASP A 67 13.68 -15.04 6.11
C ASP A 67 14.29 -16.15 5.22
N SER A 68 15.18 -15.75 4.30
CA SER A 68 15.81 -16.65 3.31
C SER A 68 17.00 -15.93 2.65
N GLY A 69 17.89 -16.71 2.05
CA GLY A 69 18.90 -16.16 1.13
C GLY A 69 18.30 -15.70 -0.19
N LYS A 70 17.05 -16.11 -0.46
CA LYS A 70 16.29 -15.75 -1.67
C LYS A 70 15.41 -14.50 -1.48
N GLU A 71 16.00 -13.47 -0.86
CA GLU A 71 15.68 -12.09 -1.17
C GLU A 71 16.08 -11.80 -2.62
N ARG A 72 17.20 -12.39 -3.03
CA ARG A 72 17.76 -12.24 -4.39
C ARG A 72 16.73 -12.60 -5.47
N GLU A 73 16.10 -13.76 -5.31
CA GLU A 73 15.00 -14.21 -6.18
C GLU A 73 13.90 -13.13 -6.27
N PHE A 74 13.49 -12.59 -5.12
CA PHE A 74 12.46 -11.56 -5.06
C PHE A 74 12.86 -10.24 -5.71
N ILE A 75 14.10 -9.82 -5.52
CA ILE A 75 14.58 -8.56 -6.10
C ILE A 75 14.61 -8.66 -7.63
N ASP A 76 14.90 -9.86 -8.16
CA ASP A 76 14.91 -10.09 -9.60
C ASP A 76 13.51 -9.94 -10.18
N PHE A 77 12.52 -10.53 -9.50
CA PHE A 77 11.11 -10.39 -9.87
C PHE A 77 10.74 -8.91 -10.09
N ILE A 78 11.02 -8.09 -9.07
CA ILE A 78 10.74 -6.66 -9.11
C ILE A 78 11.50 -5.96 -10.26
N GLN A 79 12.78 -6.32 -10.45
CA GLN A 79 13.59 -5.68 -11.49
C GLN A 79 13.10 -5.95 -12.93
N VAL A 80 12.79 -7.20 -13.24
CA VAL A 80 12.36 -7.56 -14.60
C VAL A 80 11.03 -6.89 -14.92
N ASN A 81 10.12 -6.92 -13.95
CA ASN A 81 8.81 -6.28 -14.13
C ASN A 81 8.85 -4.78 -14.16
N LEU A 82 9.80 -4.17 -13.46
CA LEU A 82 10.03 -2.75 -13.60
C LEU A 82 10.55 -2.40 -15.00
N GLU A 83 11.42 -3.25 -15.55
CA GLU A 83 11.89 -3.08 -16.93
C GLU A 83 10.71 -3.08 -17.91
N HIS A 84 9.84 -4.09 -17.80
CA HIS A 84 8.64 -4.17 -18.65
C HIS A 84 7.76 -2.91 -18.51
N LEU A 85 7.41 -2.57 -17.28
CA LEU A 85 6.49 -1.43 -17.04
C LEU A 85 7.12 -0.07 -17.35
N ASN A 86 8.44 0.07 -17.19
CA ASN A 86 9.15 1.28 -17.64
C ASN A 86 8.92 1.58 -19.11
N LYS A 87 8.90 0.54 -19.95
CA LYS A 87 8.64 0.70 -21.39
C LYS A 87 7.18 1.10 -21.70
N LEU A 88 6.24 0.69 -20.84
CA LEU A 88 4.81 0.82 -21.09
C LEU A 88 4.08 1.97 -20.37
N ALA A 89 4.58 2.40 -19.21
CA ALA A 89 3.89 3.38 -18.37
C ALA A 89 4.66 4.67 -18.15
N ASP A 90 3.94 5.72 -17.78
CA ASP A 90 4.52 7.02 -17.46
C ASP A 90 4.80 7.17 -15.95
N CYS A 91 4.00 6.52 -15.10
CA CYS A 91 4.28 6.40 -13.66
C CYS A 91 4.07 4.97 -13.23
N ILE A 92 4.78 4.55 -12.19
CA ILE A 92 4.68 3.19 -11.69
C ILE A 92 4.39 3.17 -10.19
N VAL A 93 3.59 2.22 -9.75
CA VAL A 93 3.35 1.93 -8.34
C VAL A 93 3.53 0.45 -8.09
N ILE A 94 4.16 0.10 -6.97
CA ILE A 94 4.24 -1.28 -6.52
C ILE A 94 3.19 -1.47 -5.43
N GLY A 95 2.29 -2.44 -5.63
CA GLY A 95 1.13 -2.62 -4.76
C GLY A 95 1.40 -3.32 -3.45
N SER A 96 2.63 -3.20 -2.95
CA SER A 96 3.03 -3.73 -1.66
C SER A 96 4.01 -2.74 -1.01
N CYS A 97 3.70 -2.30 0.20
CA CYS A 97 4.65 -1.53 0.99
C CYS A 97 5.89 -2.38 1.28
N THR A 98 5.71 -3.56 1.85
CA THR A 98 6.86 -4.45 2.19
C THR A 98 7.84 -4.54 1.02
N ALA A 99 7.30 -4.75 -0.18
CA ALA A 99 8.09 -4.89 -1.42
C ALA A 99 9.04 -3.73 -1.74
N HIS A 100 8.78 -2.54 -1.20
CA HIS A 100 9.69 -1.41 -1.39
C HIS A 100 11.12 -1.66 -0.84
N TYR A 101 11.31 -2.69 0.00
CA TYR A 101 12.65 -3.05 0.50
C TYR A 101 13.64 -3.43 -0.59
N ALA A 102 13.12 -3.87 -1.74
CA ALA A 102 13.94 -4.21 -2.89
C ALA A 102 14.59 -3.04 -3.59
N LEU A 103 14.05 -1.83 -3.39
CA LEU A 103 14.43 -0.64 -4.20
C LEU A 103 15.89 -0.17 -4.11
N PRO A 104 16.54 -0.32 -2.94
CA PRO A 104 17.97 0.03 -2.89
C PRO A 104 18.87 -0.80 -3.83
N GLN A 105 18.45 -2.03 -4.14
CA GLN A 105 19.21 -2.94 -5.03
C GLN A 105 18.91 -2.71 -6.52
N ILE A 106 17.76 -2.12 -6.83
CA ILE A 106 17.35 -1.83 -8.21
C ILE A 106 18.06 -0.55 -8.66
N PRO A 107 18.65 -0.55 -9.88
CA PRO A 107 19.28 0.64 -10.46
C PRO A 107 18.39 1.87 -10.53
N GLU A 108 18.96 3.05 -10.31
CA GLU A 108 18.22 4.34 -10.26
C GLU A 108 17.33 4.63 -11.48
N ASN A 109 17.74 4.14 -12.64
CA ASN A 109 17.00 4.34 -13.91
C ASN A 109 15.60 3.73 -13.98
N LEU A 110 15.41 2.54 -13.41
CA LEU A 110 14.08 1.89 -13.36
C LEU A 110 13.13 2.50 -12.30
N LYS A 111 13.72 3.09 -11.26
CA LYS A 111 12.98 3.81 -10.23
C LYS A 111 12.62 5.26 -10.62
N ASP A 112 13.03 5.71 -11.81
CA ASP A 112 12.65 7.04 -12.33
C ASP A 112 11.17 7.36 -12.23
N LYS A 113 10.34 6.43 -12.72
CA LYS A 113 8.89 6.66 -12.83
C LYS A 113 8.13 6.25 -11.56
N LEU A 114 8.82 5.61 -10.62
CA LEU A 114 8.18 5.04 -9.45
C LEU A 114 7.58 6.11 -8.54
N ILE A 115 6.38 5.84 -8.01
CA ILE A 115 5.73 6.66 -7.00
C ILE A 115 5.72 5.83 -5.72
N SER A 116 6.55 6.18 -4.74
CA SER A 116 6.68 5.38 -3.51
C SER A 116 5.46 5.49 -2.61
N LEU A 117 4.91 4.34 -2.22
CA LEU A 117 3.88 4.29 -1.18
C LEU A 117 4.36 4.82 0.17
N ILE A 118 5.67 4.72 0.42
CA ILE A 118 6.24 5.21 1.66
C ILE A 118 6.18 6.73 1.62
N LYS A 119 6.62 7.33 0.53
CA LYS A 119 6.59 8.79 0.38
C LYS A 119 5.18 9.35 0.43
N ILE A 120 4.24 8.67 -0.24
CA ILE A 120 2.84 9.12 -0.28
C ILE A 120 2.25 9.14 1.14
N ALA A 121 2.57 8.10 1.90
CA ALA A 121 2.17 7.99 3.31
C ALA A 121 2.75 9.15 4.13
N ASP A 122 4.04 9.41 3.93
CA ASP A 122 4.75 10.49 4.60
C ASP A 122 4.14 11.87 4.32
N GLN A 123 3.82 12.16 3.07
CA GLN A 123 3.14 13.42 2.69
C GLN A 123 1.81 13.64 3.39
N GLU A 124 1.00 12.58 3.43
CA GLU A 124 -0.31 12.62 4.10
C GLU A 124 -0.18 12.88 5.59
N LEU A 125 0.78 12.19 6.22
CA LEU A 125 0.99 12.30 7.66
C LEU A 125 1.51 13.68 8.05
N GLN A 126 2.33 14.28 7.18
CA GLN A 126 2.79 15.64 7.44
C GLN A 126 1.58 16.57 7.52
N GLU A 127 0.69 16.51 6.54
CA GLU A 127 -0.54 17.30 6.54
C GLU A 127 -1.44 17.00 7.74
N TYR A 128 -1.56 15.72 8.10
CA TYR A 128 -2.42 15.34 9.23
C TYR A 128 -1.82 15.73 10.57
N ASN A 129 -0.53 15.46 10.74
CA ASN A 129 0.26 15.99 11.87
C ASN A 129 -0.22 15.55 13.26
N GLU A 130 -0.60 14.28 13.40
CA GLU A 130 -1.03 13.70 14.68
C GLU A 130 -0.41 12.32 14.82
N PRO A 131 -0.16 11.87 16.07
CA PRO A 131 0.32 10.50 16.20
C PRO A 131 -0.61 9.48 15.57
N THR A 132 -0.01 8.51 14.89
CA THR A 132 -0.73 7.57 14.04
C THR A 132 -0.11 6.18 14.10
N LEU A 133 -0.97 5.15 14.15
CA LEU A 133 -0.54 3.77 14.35
C LEU A 133 -0.22 3.03 13.04
N LEU A 134 1.04 2.64 12.88
CA LEU A 134 1.48 1.93 11.69
C LEU A 134 1.01 0.47 11.77
N LEU A 135 0.04 0.12 10.93
CA LEU A 135 -0.46 -1.24 10.84
C LEU A 135 0.32 -1.89 9.73
N ALA A 136 1.10 -2.92 10.07
CA ALA A 136 1.96 -3.59 9.08
C ALA A 136 2.41 -4.97 9.52
N SER A 137 2.87 -5.73 8.52
CA SER A 137 3.49 -7.04 8.71
C SER A 137 4.80 -6.93 9.50
N THR A 138 5.17 -8.00 10.20
CA THR A 138 6.49 -8.09 10.83
C THR A 138 7.65 -7.79 9.85
N GLY A 139 7.52 -8.21 8.59
CA GLY A 139 8.57 -7.99 7.57
C GLY A 139 8.76 -6.54 7.14
N THR A 140 7.64 -5.81 7.07
CA THR A 140 7.65 -4.36 6.84
C THR A 140 8.29 -3.65 8.02
N TYR A 141 7.97 -4.13 9.22
CA TYR A 141 8.54 -3.60 10.45
C TYR A 141 10.02 -3.90 10.55
N GLN A 142 10.39 -5.16 10.31
CA GLN A 142 11.81 -5.55 10.29
C GLN A 142 12.67 -4.77 9.33
N LYS A 143 12.13 -4.47 8.15
CA LYS A 143 12.86 -3.67 7.19
C LYS A 143 12.81 -2.17 7.48
N LYS A 144 11.96 -1.74 8.41
CA LYS A 144 11.95 -0.38 8.97
C LYS A 144 11.74 0.68 7.89
N LEU A 145 10.85 0.37 6.95
CA LEU A 145 10.71 1.17 5.74
C LEU A 145 10.16 2.55 6.07
N PHE A 146 9.24 2.60 7.03
CA PHE A 146 8.59 3.83 7.37
C PHE A 146 9.43 4.67 8.31
N GLN A 147 10.06 4.03 9.28
CA GLN A 147 10.92 4.73 10.25
C GLN A 147 12.13 5.34 9.54
N GLU A 148 12.69 4.61 8.56
CA GLU A 148 13.84 5.09 7.75
C GLU A 148 13.46 6.02 6.59
N GLY A 149 12.25 5.88 6.07
CA GLY A 149 11.81 6.59 4.87
C GLY A 149 11.02 7.87 5.13
N CYS A 150 10.30 7.96 6.25
CA CYS A 150 9.40 9.10 6.51
C CYS A 150 10.05 10.27 7.28
N THR A 151 9.99 11.48 6.70
CA THR A 151 10.30 12.72 7.43
C THR A 151 9.45 12.87 8.69
N THR A 152 8.25 12.31 8.69
CA THR A 152 7.33 12.38 9.82
C THR A 152 7.45 11.18 10.77
N ALA A 153 8.60 10.50 10.78
CA ALA A 153 8.77 9.27 11.60
C ALA A 153 8.42 9.42 13.09
N ASP A 154 8.63 10.61 13.67
CA ASP A 154 8.31 10.85 15.08
C ASP A 154 6.80 10.83 15.37
N LEU A 155 5.97 11.04 14.34
CA LEU A 155 4.49 10.91 14.45
C LEU A 155 3.98 9.49 14.30
N ILE A 156 4.86 8.57 13.93
CA ILE A 156 4.46 7.19 13.74
C ILE A 156 4.57 6.46 15.07
N ILE A 157 3.47 5.84 15.48
CA ILE A 157 3.48 4.96 16.64
C ILE A 157 3.69 3.53 16.12
N SER A 158 4.69 2.85 16.67
CA SER A 158 5.00 1.48 16.30
C SER A 158 4.23 0.50 17.18
N LEU A 159 3.66 -0.53 16.56
CA LEU A 159 3.09 -1.66 17.28
C LEU A 159 4.21 -2.38 18.03
N SER A 160 3.86 -2.95 19.18
CA SER A 160 4.72 -3.93 19.84
C SER A 160 4.80 -5.19 18.98
N GLU A 161 5.76 -6.05 19.28
CA GLU A 161 5.91 -7.31 18.55
C GLU A 161 4.70 -8.22 18.64
N SER A 162 4.03 -8.25 19.79
CA SER A 162 2.81 -9.06 19.95
C SER A 162 1.73 -8.60 18.99
N ASP A 163 1.53 -7.28 18.92
CA ASP A 163 0.49 -6.72 18.08
C ASP A 163 0.86 -6.78 16.58
N GLN A 164 2.14 -6.73 16.25
CA GLN A 164 2.59 -6.97 14.88
C GLN A 164 2.12 -8.31 14.35
N LYS A 165 2.21 -9.35 15.18
CA LYS A 165 1.79 -10.70 14.80
C LYS A 165 0.29 -10.81 14.66
N LEU A 166 -0.47 -10.09 15.47
CA LEU A 166 -1.92 -10.07 15.33
C LEU A 166 -2.35 -9.42 14.03
N ILE A 167 -1.62 -8.38 13.63
CA ILE A 167 -1.85 -7.70 12.35
C ILE A 167 -1.49 -8.61 11.18
N HIS A 168 -0.34 -9.28 11.28
CA HIS A 168 0.06 -10.31 10.31
C HIS A 168 -1.04 -11.36 10.16
N GLU A 169 -1.61 -11.80 11.28
CA GLU A 169 -2.72 -12.74 11.26
C GLU A 169 -3.97 -12.16 10.58
N MET A 170 -4.31 -10.90 10.85
CA MET A 170 -5.43 -10.25 10.13
C MET A 170 -5.20 -10.18 8.63
N ILE A 171 -4.01 -9.75 8.22
CA ILE A 171 -3.70 -9.61 6.81
C ILE A 171 -3.89 -10.95 6.10
N TYR A 172 -3.23 -11.98 6.60
CA TYR A 172 -3.17 -13.27 5.91
C TYR A 172 -4.44 -14.13 6.10
N LYS A 173 -5.04 -14.15 7.29
CA LYS A 173 -6.19 -15.04 7.55
C LYS A 173 -7.52 -14.43 7.14
N VAL A 174 -7.56 -13.11 6.93
CA VAL A 174 -8.82 -12.40 6.63
C VAL A 174 -8.78 -11.60 5.34
N LEU A 175 -7.87 -10.62 5.27
CA LEU A 175 -7.89 -9.66 4.17
C LEU A 175 -7.41 -10.26 2.83
N LYS A 176 -6.31 -11.00 2.85
CA LYS A 176 -5.79 -11.63 1.61
C LYS A 176 -6.72 -12.69 1.03
N ARG A 177 -7.49 -13.36 1.90
CA ARG A 177 -8.44 -14.38 1.49
C ARG A 177 -9.80 -13.80 1.11
N GLY A 178 -9.91 -12.47 1.01
CA GLY A 178 -11.12 -11.83 0.49
C GLY A 178 -12.29 -11.73 1.45
N HIS A 179 -12.10 -12.02 2.72
CA HIS A 179 -13.20 -11.98 3.69
C HIS A 179 -13.54 -10.54 4.03
N ASP A 180 -14.71 -10.35 4.63
CA ASP A 180 -15.25 -9.00 4.88
C ASP A 180 -14.27 -8.21 5.74
N PRO A 181 -13.65 -7.14 5.17
CA PRO A 181 -12.72 -6.34 5.96
C PRO A 181 -13.29 -5.75 7.25
N LEU A 182 -14.60 -5.53 7.31
CA LEU A 182 -15.24 -5.08 8.54
C LEU A 182 -15.18 -6.09 9.69
N SER A 183 -14.95 -7.37 9.38
CA SER A 183 -14.83 -8.38 10.42
C SER A 183 -13.65 -8.16 11.38
N ILE A 184 -12.63 -7.39 10.96
CA ILE A 184 -11.54 -6.99 11.86
C ILE A 184 -11.67 -5.59 12.49
N LEU A 185 -12.77 -4.88 12.24
CA LEU A 185 -12.89 -3.49 12.71
C LEU A 185 -12.87 -3.37 14.23
N ARG A 186 -13.52 -4.29 14.92
CA ARG A 186 -13.51 -4.29 16.37
C ARG A 186 -12.08 -4.44 16.92
N ASP A 187 -11.34 -5.41 16.41
CA ASP A 187 -9.95 -5.60 16.81
C ASP A 187 -9.08 -4.37 16.54
N ILE A 188 -9.37 -3.66 15.45
CA ILE A 188 -8.63 -2.45 15.07
C ILE A 188 -8.97 -1.27 15.97
N GLU A 189 -10.25 -1.05 16.25
CA GLU A 189 -10.64 0.01 17.20
C GLU A 189 -9.96 -0.22 18.55
N ALA A 190 -9.86 -1.48 18.97
CA ALA A 190 -9.19 -1.84 20.24
C ALA A 190 -7.70 -1.51 20.24
N LEU A 191 -7.03 -1.68 19.10
CA LEU A 191 -5.63 -1.28 18.94
C LEU A 191 -5.45 0.23 18.96
N LEU A 192 -6.28 0.94 18.21
CA LEU A 192 -6.26 2.41 18.19
C LEU A 192 -6.50 2.97 19.60
N GLU A 193 -7.45 2.35 20.29
CA GLU A 193 -7.78 2.73 21.67
C GLU A 193 -6.59 2.43 22.58
N LYS A 194 -5.94 1.27 22.40
CA LYS A 194 -4.76 0.88 23.19
C LYS A 194 -3.59 1.82 23.03
N TYR A 195 -3.24 2.12 21.78
CA TYR A 195 -2.11 2.99 21.45
C TYR A 195 -2.48 4.47 21.46
N ASN A 196 -3.76 4.75 21.77
CA ASN A 196 -4.25 6.09 22.12
C ASN A 196 -4.11 7.03 20.94
N THR A 197 -4.86 6.72 19.89
CA THR A 197 -4.81 7.45 18.61
C THR A 197 -6.10 7.21 17.85
N ARG A 198 -6.42 8.10 16.92
CA ARG A 198 -7.65 8.00 16.12
C ARG A 198 -7.31 7.73 14.66
N SER A 199 -6.12 7.18 14.43
CA SER A 199 -5.51 7.24 13.13
C SER A 199 -4.60 6.05 12.90
N TYR A 200 -4.59 5.54 11.65
CA TYR A 200 -3.67 4.49 11.25
C TYR A 200 -3.05 4.77 9.91
N ILE A 201 -1.86 4.19 9.70
CA ILE A 201 -1.22 4.11 8.39
C ILE A 201 -1.41 2.70 7.86
N SER A 202 -1.79 2.61 6.59
CA SER A 202 -1.84 1.32 5.89
C SER A 202 -0.40 0.90 5.55
N GLY A 203 0.30 0.37 6.54
CA GLY A 203 1.67 -0.12 6.35
C GLY A 203 1.70 -1.37 5.49
N SER A 204 0.63 -2.15 5.57
CA SER A 204 0.31 -3.17 4.59
C SER A 204 -0.74 -2.61 3.66
N THR A 205 -0.55 -2.79 2.35
CA THR A 205 -1.55 -2.36 1.35
C THR A 205 -2.91 -3.03 1.54
N GLU A 206 -2.94 -4.22 2.11
CA GLU A 206 -4.24 -4.87 2.36
C GLU A 206 -5.17 -4.01 3.23
N PHE A 207 -4.64 -3.04 3.99
CA PHE A 207 -5.50 -2.07 4.70
C PHE A 207 -6.17 -1.02 3.82
N HIS A 208 -5.86 -1.01 2.53
CA HIS A 208 -6.71 -0.36 1.53
C HIS A 208 -8.13 -0.92 1.58
N LEU A 209 -8.22 -2.24 1.76
CA LEU A 209 -9.52 -2.94 1.83
C LEU A 209 -10.35 -2.49 3.03
N LEU A 210 -9.70 -2.29 4.17
CA LEU A 210 -10.40 -1.80 5.36
C LEU A 210 -10.77 -0.35 5.18
N THR A 211 -9.86 0.43 4.61
CA THR A 211 -10.13 1.85 4.38
C THR A 211 -11.38 2.05 3.53
N LYS A 212 -11.53 1.24 2.48
CA LYS A 212 -12.70 1.28 1.61
C LYS A 212 -13.98 0.93 2.37
N SER A 213 -13.97 -0.21 3.08
CA SER A 213 -15.12 -0.66 3.88
C SER A 213 -15.57 0.33 4.95
N LEU A 214 -14.64 1.12 5.48
CA LEU A 214 -14.97 2.20 6.43
C LEU A 214 -15.65 3.39 5.75
N LYS A 215 -15.13 3.80 4.59
CA LYS A 215 -15.65 4.95 3.82
C LYS A 215 -17.04 4.65 3.26
N LEU A 216 -17.20 3.45 2.72
CA LEU A 216 -18.49 2.89 2.33
C LEU A 216 -19.51 2.91 3.47
N LYS A 217 -19.12 2.50 4.68
CA LYS A 217 -20.03 2.51 5.84
C LYS A 217 -20.17 3.85 6.58
N GLY A 218 -19.53 4.92 6.09
CA GLY A 218 -19.64 6.23 6.70
C GLY A 218 -19.02 6.37 8.08
N ILE A 219 -18.15 5.41 8.46
CA ILE A 219 -17.37 5.54 9.69
C ILE A 219 -16.27 6.54 9.39
N ASP A 220 -16.46 7.79 9.84
CA ASP A 220 -15.45 8.85 9.64
C ASP A 220 -14.70 9.20 10.95
N SER A 221 -14.91 8.39 11.98
CA SER A 221 -14.25 8.57 13.28
C SER A 221 -12.75 8.19 13.25
N ILE A 222 -12.38 7.26 12.38
CA ILE A 222 -10.99 6.86 12.18
C ILE A 222 -10.45 7.56 10.95
N LYS A 223 -9.22 8.08 11.05
CA LYS A 223 -8.49 8.69 9.93
C LYS A 223 -7.47 7.69 9.36
N ALA A 224 -7.72 7.26 8.13
CA ALA A 224 -6.85 6.32 7.46
C ALA A 224 -5.85 7.07 6.59
N ILE A 225 -4.56 6.91 6.87
CA ILE A 225 -3.51 7.33 5.94
C ILE A 225 -3.21 6.11 5.08
N ASP A 226 -3.89 6.07 3.93
CA ASP A 226 -3.94 4.90 3.06
C ASP A 226 -3.43 5.33 1.68
N PRO A 227 -2.17 5.03 1.36
CA PRO A 227 -1.60 5.50 0.08
C PRO A 227 -2.37 5.14 -1.21
N LEU A 228 -2.90 3.93 -1.30
CA LEU A 228 -3.63 3.53 -2.52
C LEU A 228 -4.89 4.36 -2.71
N SER A 229 -5.63 4.65 -1.64
CA SER A 229 -6.76 5.63 -1.69
C SER A 229 -6.28 6.97 -2.24
N THR A 230 -5.23 7.51 -1.64
CA THR A 230 -4.64 8.78 -2.07
C THR A 230 -4.24 8.79 -3.56
N ILE A 231 -3.60 7.73 -4.03
CA ILE A 231 -3.19 7.63 -5.45
C ILE A 231 -4.41 7.63 -6.37
N ALA A 232 -5.47 6.92 -5.97
CA ALA A 232 -6.69 6.87 -6.73
C ALA A 232 -7.35 8.25 -6.75
N GLN A 233 -7.60 8.84 -5.56
CA GLN A 233 -8.21 10.17 -5.43
C GLN A 233 -7.48 11.21 -6.29
N ASN A 234 -6.16 11.16 -6.30
CA ASN A 234 -5.35 12.23 -6.88
C ASN A 234 -4.69 11.76 -8.17
N PHE A 235 -5.39 10.91 -8.93
CA PHE A 235 -4.82 10.32 -10.13
C PHE A 235 -4.44 11.39 -11.16
N SER A 236 -5.32 12.37 -11.38
CA SER A 236 -5.09 13.41 -12.41
C SER A 236 -3.80 14.19 -12.16
N GLN A 237 -3.63 14.61 -10.91
CA GLN A 237 -2.48 15.41 -10.48
C GLN A 237 -1.19 14.59 -10.51
N LEU A 238 -1.22 13.37 -9.93
CA LEU A 238 0.00 12.55 -9.80
C LEU A 238 0.54 11.94 -11.08
N ILE A 239 -0.32 11.57 -12.02
CA ILE A 239 0.10 10.76 -13.18
C ILE A 239 0.32 11.66 -14.42
N ILE A 240 1.60 11.78 -14.83
CA ILE A 240 2.00 12.66 -15.97
C ILE A 240 3.33 12.24 -16.60
#